data_4IU1
#
_entry.id   4IU1
#
_cell.length_a   89.615
_cell.length_b   89.615
_cell.length_c   114.556
_cell.angle_alpha   90.00
_cell.angle_beta   90.00
_cell.angle_gamma   120.00
#
_symmetry.space_group_name_H-M   'H 3'
#
loop_
_entity.id
_entity.type
_entity.pdbx_description
1 polymer Arginase
2 non-polymer 'MANGANESE (II) ION'
3 non-polymer NOR-N-OMEGA-HYDROXY-L-ARGININE
4 non-polymer GLYCEROL
5 water water
#
_entity_poly.entity_id   1
_entity_poly.type   'polypeptide(L)'
_entity_poly.pdbx_seq_one_letter_code
;MRGSHHHHHHGMAKKMSIVLAPFSGGQPHSGVELGPDYLLKQGLQQDMEKLGWDTRLERVFDGKVVEARKASDNGDRIGR
VKRPRLTAECTEKIYKCVRRVAEQGRFPLTIGGDHSIALGTVAGVLSVHPDAGVIWVDAHADINTMSGTVSGNLHGCPLS
ILLGLDRENIPECFSWVPQVLKPNKIAYIGLRAVDDEEKKILHDLNIAAFSMHHVDRYGIDKVVSMAIEAVSPKGTEPVM
VSYDVDTIDPLYVPATGTPVRGGLSFREALFLCERIAECGRLVALDVVECNPLLAATESHVNDTISVGCAIARCMMGETL
LYTPHTSSKL
;
_entity_poly.pdbx_strand_id   A
#
loop_
_chem_comp.id
_chem_comp.type
_chem_comp.name
_chem_comp.formula
GOL non-polymer GLYCEROL 'C3 H8 O3'
MN non-polymer 'MANGANESE (II) ION' 'Mn 2'
#
# COMPACT_ATOMS: atom_id res chain seq x y z
N LYS A 14 22.44 -6.69 -3.34
CA LYS A 14 21.26 -6.84 -2.44
C LYS A 14 21.17 -5.63 -1.51
N LYS A 15 20.78 -4.51 -2.09
CA LYS A 15 20.66 -3.25 -1.36
C LYS A 15 19.18 -2.85 -1.20
N MET A 16 18.84 -2.38 -0.01
CA MET A 16 17.46 -1.98 0.30
C MET A 16 17.39 -0.64 1.00
N SER A 17 16.36 0.14 0.66
CA SER A 17 16.14 1.44 1.29
C SER A 17 14.76 1.38 1.91
N ILE A 18 14.70 1.50 3.22
CA ILE A 18 13.42 1.45 3.90
C ILE A 18 12.87 2.86 4.03
N VAL A 19 11.99 3.20 3.08
CA VAL A 19 11.36 4.51 3.00
C VAL A 19 10.31 4.75 4.08
N LEU A 20 10.55 5.73 4.93
CA LEU A 20 9.61 6.03 6.02
C LEU A 20 8.57 7.04 5.58
N ALA A 21 7.30 6.66 5.60
CA ALA A 21 6.25 7.56 5.18
C ALA A 21 5.11 7.70 6.21
N PRO A 22 5.36 8.46 7.29
CA PRO A 22 4.40 8.70 8.38
C PRO A 22 3.34 9.76 8.02
N PHE A 23 2.47 9.42 7.07
CA PHE A 23 1.43 10.34 6.63
C PHE A 23 0.07 9.83 7.08
N SER A 24 -0.85 10.75 7.39
CA SER A 24 -2.19 10.38 7.83
C SER A 24 -3.27 11.30 7.25
N GLY A 25 -2.86 12.18 6.34
CA GLY A 25 -3.81 13.09 5.74
C GLY A 25 -4.82 12.48 4.78
N GLY A 26 -4.55 11.26 4.32
CA GLY A 26 -5.47 10.61 3.40
C GLY A 26 -6.68 10.02 4.09
N GLN A 27 -6.81 10.28 5.39
CA GLN A 27 -7.94 9.73 6.13
C GLN A 27 -8.17 10.43 7.47
N PRO A 28 -9.35 10.21 8.09
CA PRO A 28 -9.80 10.77 9.37
C PRO A 28 -8.93 10.55 10.61
N HIS A 29 -8.78 9.29 11.01
CA HIS A 29 -8.03 8.94 12.21
C HIS A 29 -6.53 9.25 12.19
N SER A 30 -6.04 9.80 13.30
CA SER A 30 -4.63 10.12 13.43
C SER A 30 -4.00 8.97 14.20
N GLY A 31 -2.70 8.73 13.96
CA GLY A 31 -2.00 7.66 14.65
C GLY A 31 -1.29 6.74 13.68
N VAL A 32 -1.85 6.63 12.48
CA VAL A 32 -1.29 5.77 11.42
C VAL A 32 0.07 6.26 10.94
N GLU A 33 0.41 7.52 11.26
CA GLU A 33 1.70 8.07 10.87
C GLU A 33 2.77 7.54 11.83
N LEU A 34 2.32 6.83 12.86
CA LEU A 34 3.23 6.26 13.85
C LEU A 34 3.73 4.91 13.38
N GLY A 35 3.12 4.42 12.30
CA GLY A 35 3.51 3.13 11.76
C GLY A 35 5.01 2.96 11.63
N PRO A 36 5.65 3.77 10.77
CA PRO A 36 7.10 3.68 10.56
C PRO A 36 7.90 3.48 11.86
N ASP A 37 7.70 4.36 12.84
CA ASP A 37 8.43 4.24 14.10
C ASP A 37 8.20 2.90 14.78
N TYR A 38 6.94 2.54 14.99
CA TYR A 38 6.58 1.28 15.63
C TYR A 38 7.21 0.07 14.94
N LEU A 39 7.07 0.00 13.62
CA LEU A 39 7.66 -1.08 12.85
C LEU A 39 9.15 -1.14 13.12
N LEU A 40 9.82 -0.01 12.93
CA LEU A 40 11.26 0.05 13.14
C LEU A 40 11.68 -0.38 14.52
N LYS A 41 10.92 -0.02 15.55
CA LYS A 41 11.29 -0.43 16.89
C LYS A 41 11.03 -1.92 17.09
N GLN A 42 10.19 -2.49 16.24
CA GLN A 42 9.90 -3.91 16.31
C GLN A 42 11.06 -4.70 15.70
N GLY A 43 12.04 -3.97 15.17
CA GLY A 43 13.20 -4.59 14.58
C GLY A 43 13.16 -4.83 13.09
N LEU A 44 12.31 -4.08 12.39
CA LEU A 44 12.17 -4.23 10.94
C LEU A 44 13.51 -4.22 10.20
N GLN A 45 14.31 -3.17 10.42
CA GLN A 45 15.59 -3.06 9.76
C GLN A 45 16.53 -4.19 10.15
N GLN A 46 16.55 -4.58 11.42
CA GLN A 46 17.40 -5.68 11.87
C GLN A 46 16.96 -6.93 11.11
N ASP A 47 15.64 -7.09 10.98
CA ASP A 47 15.11 -8.24 10.28
C ASP A 47 15.58 -8.30 8.83
N MET A 48 15.52 -7.18 8.13
CA MET A 48 15.95 -7.15 6.73
C MET A 48 17.44 -7.45 6.64
N GLU A 49 18.18 -7.06 7.67
CA GLU A 49 19.62 -7.31 7.70
C GLU A 49 19.83 -8.82 7.84
N LYS A 50 19.11 -9.40 8.79
CA LYS A 50 19.14 -10.82 9.11
C LYS A 50 18.79 -11.65 7.88
N LEU A 51 17.99 -11.08 7.00
CA LEU A 51 17.58 -11.73 5.77
C LEU A 51 18.65 -11.52 4.73
N GLY A 52 19.71 -10.81 5.12
CA GLY A 52 20.81 -10.55 4.22
C GLY A 52 20.69 -9.27 3.41
N TRP A 53 19.76 -8.41 3.80
CA TRP A 53 19.57 -7.16 3.07
C TRP A 53 20.39 -6.01 3.61
N ASP A 54 21.22 -5.45 2.75
CA ASP A 54 22.05 -4.30 3.08
C ASP A 54 21.04 -3.15 3.14
N THR A 55 20.61 -2.76 4.34
CA THR A 55 19.62 -1.70 4.42
C THR A 55 20.05 -0.35 4.94
N ARG A 56 19.29 0.66 4.54
CA ARG A 56 19.50 2.03 4.95
C ARG A 56 18.16 2.75 4.88
N LEU A 57 17.86 3.53 5.91
CA LEU A 57 16.61 4.26 6.01
C LEU A 57 16.61 5.51 5.14
N GLU A 58 15.42 5.93 4.71
CA GLU A 58 15.24 7.11 3.89
C GLU A 58 14.06 7.89 4.44
N ARG A 59 14.33 9.02 5.10
CA ARG A 59 13.26 9.85 5.65
C ARG A 59 12.85 10.90 4.64
N VAL A 60 11.55 11.01 4.41
CA VAL A 60 11.00 11.94 3.45
C VAL A 60 10.51 13.26 4.08
N PHE A 61 10.00 13.18 5.30
CA PHE A 61 9.52 14.37 6.00
C PHE A 61 9.24 14.12 7.48
N ASP A 62 9.25 15.19 8.27
CA ASP A 62 9.00 15.10 9.71
C ASP A 62 7.54 14.74 10.00
N GLY A 63 7.33 13.56 10.58
CA GLY A 63 5.99 13.11 10.88
C GLY A 63 5.11 14.03 11.73
N LYS A 64 5.69 14.62 12.77
CA LYS A 64 4.92 15.51 13.65
C LYS A 64 4.64 16.87 13.02
N VAL A 65 5.55 17.35 12.18
CA VAL A 65 5.37 18.62 11.53
C VAL A 65 4.15 18.57 10.61
N VAL A 66 4.01 17.46 9.90
CA VAL A 66 2.88 17.27 8.99
C VAL A 66 1.55 17.11 9.75
N GLU A 67 1.61 16.48 10.92
CA GLU A 67 0.42 16.29 11.74
C GLU A 67 -0.13 17.65 12.14
N ALA A 68 0.77 18.57 12.46
CA ALA A 68 0.40 19.91 12.85
C ALA A 68 -0.35 20.60 11.72
N ARG A 69 0.21 20.52 10.52
CA ARG A 69 -0.42 21.14 9.36
C ARG A 69 -1.75 20.49 9.00
N LYS A 70 -1.93 19.23 9.38
CA LYS A 70 -3.19 18.55 9.08
C LYS A 70 -4.24 18.86 10.13
N ALA A 71 -3.81 18.86 11.39
CA ALA A 71 -4.70 19.11 12.51
C ALA A 71 -5.38 20.48 12.41
N SER A 72 -4.62 21.46 11.93
CA SER A 72 -5.11 22.83 11.81
C SER A 72 -5.89 23.17 10.54
N ASP A 73 -5.17 23.18 9.42
CA ASP A 73 -5.72 23.54 8.11
C ASP A 73 -6.93 22.75 7.62
N ASN A 74 -8.09 22.97 8.22
CA ASN A 74 -9.29 22.27 7.78
C ASN A 74 -9.83 22.94 6.52
N GLY A 75 -9.12 23.96 6.04
CA GLY A 75 -9.55 24.67 4.84
C GLY A 75 -8.97 24.10 3.55
N ASP A 76 -8.19 23.03 3.68
CA ASP A 76 -7.55 22.37 2.55
C ASP A 76 -8.51 21.32 1.97
N ARG A 77 -9.36 21.76 1.04
CA ARG A 77 -10.34 20.87 0.39
C ARG A 77 -10.68 21.31 -1.03
N ILE A 78 -11.21 20.39 -1.82
CA ILE A 78 -11.62 20.66 -3.20
C ILE A 78 -12.85 19.82 -3.47
N GLY A 79 -13.95 20.19 -2.85
CA GLY A 79 -15.19 19.44 -3.00
C GLY A 79 -15.33 18.60 -1.74
N ARG A 80 -15.54 17.30 -1.91
CA ARG A 80 -15.66 16.42 -0.76
C ARG A 80 -14.26 15.95 -0.41
N VAL A 81 -13.34 16.09 -1.35
CA VAL A 81 -11.94 15.69 -1.15
C VAL A 81 -11.30 16.48 -0.01
N LYS A 82 -10.82 15.77 1.02
CA LYS A 82 -10.20 16.39 2.17
C LYS A 82 -8.66 16.36 2.15
N ARG A 83 -8.05 17.54 2.33
CA ARG A 83 -6.59 17.69 2.35
C ARG A 83 -5.86 17.28 1.05
N PRO A 84 -6.32 17.78 -0.11
CA PRO A 84 -5.68 17.43 -1.37
C PRO A 84 -4.28 18.04 -1.54
N ARG A 85 -4.12 19.30 -1.13
CA ARG A 85 -2.84 19.96 -1.24
C ARG A 85 -1.81 19.23 -0.40
N LEU A 86 -2.13 19.05 0.89
CA LEU A 86 -1.23 18.37 1.81
C LEU A 86 -0.86 16.98 1.33
N THR A 87 -1.85 16.25 0.81
CA THR A 87 -1.61 14.90 0.32
C THR A 87 -0.74 14.96 -0.92
N ALA A 88 -0.97 15.96 -1.76
CA ALA A 88 -0.18 16.09 -2.98
C ALA A 88 1.28 16.41 -2.69
N GLU A 89 1.51 17.33 -1.75
CA GLU A 89 2.85 17.75 -1.37
C GLU A 89 3.67 16.59 -0.85
N CYS A 90 3.10 15.87 0.11
CA CYS A 90 3.79 14.73 0.70
C CYS A 90 3.97 13.56 -0.27
N THR A 91 2.92 13.18 -0.99
CA THR A 91 3.04 12.07 -1.92
C THR A 91 4.03 12.40 -3.04
N GLU A 92 4.27 13.68 -3.28
CA GLU A 92 5.22 14.05 -4.31
C GLU A 92 6.63 13.79 -3.80
N LYS A 93 6.86 14.12 -2.53
CA LYS A 93 8.16 13.92 -1.90
C LYS A 93 8.46 12.41 -1.85
N ILE A 94 7.42 11.61 -1.66
CA ILE A 94 7.54 10.17 -1.61
C ILE A 94 7.88 9.67 -3.02
N TYR A 95 7.17 10.18 -4.00
CA TYR A 95 7.41 9.81 -5.39
C TYR A 95 8.89 10.03 -5.70
N LYS A 96 9.35 11.27 -5.55
CA LYS A 96 10.74 11.63 -5.81
C LYS A 96 11.71 10.72 -5.06
N CYS A 97 11.44 10.52 -3.78
CA CYS A 97 12.30 9.68 -2.95
C CYS A 97 12.39 8.26 -3.51
N VAL A 98 11.25 7.61 -3.67
CA VAL A 98 11.21 6.26 -4.19
C VAL A 98 11.87 6.16 -5.56
N ARG A 99 11.71 7.20 -6.38
CA ARG A 99 12.29 7.22 -7.72
C ARG A 99 13.81 7.11 -7.66
N ARG A 100 14.41 7.90 -6.79
CA ARG A 100 15.86 7.93 -6.64
C ARG A 100 16.34 6.58 -6.10
N VAL A 101 15.66 6.09 -5.08
CA VAL A 101 15.99 4.80 -4.46
C VAL A 101 16.10 3.69 -5.49
N ALA A 102 15.25 3.74 -6.50
CA ALA A 102 15.23 2.73 -7.56
C ALA A 102 16.31 3.01 -8.60
N GLU A 103 16.52 4.29 -8.89
CA GLU A 103 17.53 4.68 -9.84
C GLU A 103 18.89 4.24 -9.32
N GLN A 104 18.99 4.15 -8.00
CA GLN A 104 20.22 3.72 -7.34
C GLN A 104 20.33 2.20 -7.36
N GLY A 105 19.33 1.54 -7.94
CA GLY A 105 19.33 0.09 -7.99
C GLY A 105 19.11 -0.59 -6.64
N ARG A 106 18.38 0.07 -5.74
CA ARG A 106 18.09 -0.49 -4.43
C ARG A 106 16.60 -0.86 -4.34
N PHE A 107 16.27 -1.86 -3.52
CA PHE A 107 14.87 -2.26 -3.34
C PHE A 107 14.21 -1.34 -2.32
N PRO A 108 13.12 -0.67 -2.72
CA PRO A 108 12.39 0.24 -1.82
C PRO A 108 11.24 -0.41 -1.08
N LEU A 109 11.35 -0.44 0.24
CA LEU A 109 10.30 -1.00 1.09
C LEU A 109 9.74 0.20 1.85
N THR A 110 8.51 0.58 1.50
CA THR A 110 7.87 1.74 2.12
C THR A 110 6.92 1.36 3.24
N ILE A 111 7.05 2.06 4.37
CA ILE A 111 6.21 1.82 5.55
C ILE A 111 5.35 3.05 5.85
N GLY A 112 4.03 2.86 5.84
CA GLY A 112 3.12 3.96 6.10
C GLY A 112 2.59 3.97 7.53
N GLY A 113 1.65 4.85 7.85
CA GLY A 113 1.12 5.81 6.89
C GLY A 113 -0.10 5.25 6.19
N ASP A 114 -1.09 6.08 5.89
CA ASP A 114 -2.27 5.57 5.21
C ASP A 114 -1.92 5.23 3.77
N HIS A 115 -2.84 4.56 3.09
CA HIS A 115 -2.61 4.11 1.73
C HIS A 115 -2.47 5.16 0.62
N SER A 116 -2.70 6.43 0.94
CA SER A 116 -2.57 7.47 -0.07
C SER A 116 -1.09 7.65 -0.43
N ILE A 117 -0.20 7.08 0.37
CA ILE A 117 1.22 7.23 0.09
C ILE A 117 1.60 6.43 -1.14
N ALA A 118 0.84 5.38 -1.43
CA ALA A 118 1.11 4.55 -2.60
C ALA A 118 1.04 5.33 -3.91
N LEU A 119 0.52 6.56 -3.85
CA LEU A 119 0.45 7.39 -5.04
C LEU A 119 1.89 7.78 -5.35
N GLY A 120 2.67 7.97 -4.28
CA GLY A 120 4.06 8.32 -4.45
C GLY A 120 4.87 7.08 -4.74
N THR A 121 4.60 5.99 -4.02
CA THR A 121 5.34 4.76 -4.21
C THR A 121 5.19 4.15 -5.60
N VAL A 122 3.98 3.83 -5.98
CA VAL A 122 3.76 3.25 -7.28
C VAL A 122 4.30 4.16 -8.40
N ALA A 123 4.08 5.46 -8.24
CA ALA A 123 4.54 6.44 -9.23
C ALA A 123 6.05 6.38 -9.32
N GLY A 124 6.68 6.22 -8.15
CA GLY A 124 8.13 6.13 -8.11
C GLY A 124 8.68 4.86 -8.74
N VAL A 125 8.06 3.73 -8.43
CA VAL A 125 8.50 2.44 -8.97
C VAL A 125 8.29 2.30 -10.48
N LEU A 126 7.13 2.74 -10.96
CA LEU A 126 6.83 2.65 -12.37
C LEU A 126 7.65 3.64 -13.18
N SER A 127 8.37 4.51 -12.49
CA SER A 127 9.22 5.49 -13.15
C SER A 127 10.53 4.84 -13.55
N VAL A 128 10.93 3.81 -12.81
CA VAL A 128 12.18 3.11 -13.11
C VAL A 128 11.88 1.76 -13.75
N HIS A 129 10.71 1.21 -13.43
CA HIS A 129 10.29 -0.06 -13.99
C HIS A 129 8.88 0.11 -14.52
N PRO A 130 8.74 0.86 -15.62
CA PRO A 130 7.48 1.17 -16.30
C PRO A 130 6.64 -0.04 -16.71
N ASP A 131 7.22 -1.23 -16.71
CA ASP A 131 6.49 -2.43 -17.09
C ASP A 131 6.12 -3.27 -15.86
N ALA A 132 6.34 -2.72 -14.68
CA ALA A 132 6.04 -3.43 -13.44
C ALA A 132 4.55 -3.64 -13.21
N GLY A 133 4.19 -4.85 -12.79
CA GLY A 133 2.81 -5.15 -12.49
C GLY A 133 2.58 -4.73 -11.06
N VAL A 134 1.32 -4.54 -10.67
CA VAL A 134 1.00 -4.11 -9.31
C VAL A 134 -0.07 -4.95 -8.61
N ILE A 135 0.30 -5.61 -7.52
CA ILE A 135 -0.65 -6.40 -6.77
C ILE A 135 -1.12 -5.59 -5.55
N TRP A 136 -2.41 -5.27 -5.53
CA TRP A 136 -2.98 -4.48 -4.47
C TRP A 136 -3.72 -5.37 -3.47
N VAL A 137 -3.02 -5.74 -2.40
CA VAL A 137 -3.59 -6.59 -1.36
C VAL A 137 -4.38 -5.66 -0.46
N ASP A 138 -5.70 -5.74 -0.56
CA ASP A 138 -6.53 -4.83 0.20
C ASP A 138 -7.97 -5.32 0.32
N ALA A 139 -8.68 -4.78 1.31
CA ALA A 139 -10.08 -5.13 1.49
C ALA A 139 -10.86 -4.11 0.65
N HIS A 140 -10.20 -2.98 0.35
CA HIS A 140 -10.78 -1.91 -0.44
C HIS A 140 -10.07 -1.75 -1.77
N ALA A 141 -10.79 -1.20 -2.75
CA ALA A 141 -10.24 -1.02 -4.10
C ALA A 141 -9.48 0.30 -4.26
N ASP A 142 -9.62 1.19 -3.28
CA ASP A 142 -8.96 2.49 -3.32
C ASP A 142 -8.88 3.10 -4.71
N ILE A 143 -9.98 3.08 -5.43
CA ILE A 143 -10.00 3.60 -6.79
C ILE A 143 -11.03 4.71 -6.98
N ASN A 144 -11.60 5.21 -5.89
CA ASN A 144 -12.58 6.28 -5.98
C ASN A 144 -11.97 7.52 -6.63
N THR A 145 -12.79 8.22 -7.41
CA THR A 145 -12.37 9.43 -8.08
C THR A 145 -12.60 10.62 -7.16
N MET A 146 -12.00 11.77 -7.53
CA MET A 146 -12.13 12.99 -6.76
C MET A 146 -13.61 13.39 -6.70
N SER A 147 -14.29 13.26 -7.84
CA SER A 147 -15.69 13.61 -7.97
C SER A 147 -16.61 12.56 -7.35
N GLY A 148 -16.24 11.29 -7.52
CA GLY A 148 -17.05 10.22 -6.98
C GLY A 148 -16.87 9.90 -5.51
N THR A 149 -15.69 10.13 -4.97
CA THR A 149 -15.45 9.81 -3.57
C THR A 149 -16.51 10.37 -2.65
N VAL A 150 -17.23 9.48 -1.97
CA VAL A 150 -18.27 9.92 -1.05
C VAL A 150 -17.63 10.40 0.24
N SER A 151 -16.75 9.57 0.80
CA SER A 151 -16.07 9.90 2.06
C SER A 151 -15.11 11.06 1.94
N GLY A 152 -14.47 11.22 0.78
CA GLY A 152 -13.52 12.30 0.60
C GLY A 152 -12.15 11.98 1.19
N ASN A 153 -12.01 10.83 1.81
CA ASN A 153 -10.74 10.40 2.40
C ASN A 153 -9.86 9.91 1.25
N LEU A 154 -8.84 10.69 0.97
CA LEU A 154 -7.93 10.41 -0.14
C LEU A 154 -7.22 9.06 -0.15
N HIS A 155 -7.17 8.37 0.99
CA HIS A 155 -6.50 7.07 1.00
C HIS A 155 -7.30 6.06 0.20
N GLY A 156 -8.51 6.42 -0.22
CA GLY A 156 -9.34 5.53 -1.00
C GLY A 156 -9.43 6.01 -2.45
N CYS A 157 -8.52 6.90 -2.83
CA CYS A 157 -8.51 7.46 -4.17
C CYS A 157 -7.21 7.32 -4.98
N PRO A 158 -6.10 6.91 -4.35
CA PRO A 158 -4.82 6.78 -5.08
C PRO A 158 -4.85 6.15 -6.46
N LEU A 159 -5.45 4.97 -6.60
CA LEU A 159 -5.48 4.30 -7.90
C LEU A 159 -6.17 5.08 -9.02
N SER A 160 -7.22 5.82 -8.69
CA SER A 160 -7.92 6.60 -9.69
C SER A 160 -6.98 7.67 -10.25
N ILE A 161 -6.16 8.24 -9.35
CA ILE A 161 -5.21 9.27 -9.73
C ILE A 161 -4.06 8.69 -10.56
N LEU A 162 -3.56 7.53 -10.16
CA LEU A 162 -2.48 6.88 -10.90
C LEU A 162 -2.95 6.47 -12.30
N LEU A 163 -4.21 6.05 -12.37
CA LEU A 163 -4.79 5.62 -13.64
C LEU A 163 -5.21 6.78 -14.51
N GLY A 164 -5.24 7.98 -13.95
CA GLY A 164 -5.62 9.15 -14.74
C GLY A 164 -7.10 9.23 -15.03
N LEU A 165 -7.90 8.70 -14.12
CA LEU A 165 -9.36 8.69 -14.27
C LEU A 165 -9.94 10.00 -13.79
N ASP A 166 -11.01 10.44 -14.43
CA ASP A 166 -11.67 11.68 -14.04
C ASP A 166 -10.62 12.77 -14.11
N ARG A 167 -9.84 12.72 -15.20
CA ARG A 167 -8.77 13.68 -15.43
C ARG A 167 -9.28 15.10 -15.28
N GLU A 168 -10.45 15.38 -15.83
CA GLU A 168 -11.02 16.72 -15.77
C GLU A 168 -11.18 17.31 -14.37
N ASN A 169 -11.71 16.53 -13.43
CA ASN A 169 -11.93 17.06 -12.08
C ASN A 169 -10.77 16.93 -11.11
N ILE A 170 -9.61 16.53 -11.61
CA ILE A 170 -8.44 16.41 -10.76
C ILE A 170 -7.76 17.78 -10.77
N PRO A 171 -7.33 18.26 -9.59
CA PRO A 171 -6.66 19.56 -9.40
C PRO A 171 -5.22 19.73 -9.84
N GLU A 172 -4.75 20.96 -9.67
CA GLU A 172 -3.41 21.37 -10.02
C GLU A 172 -2.35 20.70 -9.14
N CYS A 173 -2.57 20.70 -7.84
CA CYS A 173 -1.60 20.10 -6.91
C CYS A 173 -1.23 18.65 -7.20
N PHE A 174 -1.92 18.04 -8.18
CA PHE A 174 -1.64 16.64 -8.55
C PHE A 174 -1.11 16.49 -9.97
N SER A 175 -0.84 17.61 -10.63
CA SER A 175 -0.32 17.56 -11.98
C SER A 175 1.03 16.85 -12.04
N TRP A 176 1.75 16.85 -10.92
CA TRP A 176 3.05 16.20 -10.87
C TRP A 176 2.99 14.69 -11.05
N VAL A 177 1.79 14.13 -10.86
CA VAL A 177 1.63 12.69 -10.98
C VAL A 177 1.80 12.19 -12.41
N PRO A 178 2.87 11.42 -12.66
CA PRO A 178 3.09 10.91 -14.01
C PRO A 178 2.10 9.81 -14.36
N GLN A 179 1.69 9.75 -15.63
CA GLN A 179 0.75 8.74 -16.08
C GLN A 179 1.54 7.55 -16.62
N VAL A 180 1.70 6.54 -15.78
CA VAL A 180 2.47 5.35 -16.15
C VAL A 180 1.82 4.01 -15.78
N LEU A 181 0.63 4.05 -15.18
CA LEU A 181 -0.05 2.83 -14.78
C LEU A 181 -1.31 2.54 -15.61
N LYS A 182 -1.34 1.37 -16.26
CA LYS A 182 -2.48 0.97 -17.08
C LYS A 182 -3.32 -0.01 -16.28
N PRO A 183 -4.60 -0.17 -16.66
CA PRO A 183 -5.52 -1.08 -15.97
C PRO A 183 -5.09 -2.55 -16.00
N ASN A 184 -4.39 -2.95 -17.06
CA ASN A 184 -3.96 -4.35 -17.18
C ASN A 184 -2.69 -4.68 -16.39
N LYS A 185 -2.24 -3.74 -15.56
CA LYS A 185 -1.04 -3.97 -14.75
C LYS A 185 -1.34 -3.86 -13.26
N ILE A 186 -2.62 -3.87 -12.89
CA ILE A 186 -3.03 -3.79 -11.50
C ILE A 186 -3.98 -4.94 -11.20
N ALA A 187 -3.70 -5.65 -10.10
CA ALA A 187 -4.54 -6.78 -9.69
C ALA A 187 -4.79 -6.77 -8.19
N TYR A 188 -6.07 -6.80 -7.82
CA TYR A 188 -6.47 -6.80 -6.42
C TYR A 188 -6.54 -8.20 -5.82
N ILE A 189 -6.45 -8.25 -4.49
CA ILE A 189 -6.55 -9.51 -3.75
C ILE A 189 -7.16 -9.25 -2.37
N GLY A 190 -8.20 -10.01 -2.02
CA GLY A 190 -8.82 -9.85 -0.72
C GLY A 190 -9.92 -8.81 -0.60
N LEU A 191 -10.45 -8.38 -1.74
CA LEU A 191 -11.51 -7.36 -1.75
C LEU A 191 -12.83 -7.83 -1.15
N ARG A 192 -13.45 -6.95 -0.36
CA ARG A 192 -14.72 -7.28 0.26
C ARG A 192 -15.49 -6.03 0.70
N ALA A 193 -14.90 -4.85 0.50
CA ALA A 193 -15.57 -3.60 0.88
C ALA A 193 -15.44 -2.58 -0.25
N VAL A 194 -16.03 -2.92 -1.39
CA VAL A 194 -16.00 -2.06 -2.57
C VAL A 194 -17.25 -1.19 -2.69
N ASP A 195 -17.05 0.10 -2.98
CA ASP A 195 -18.15 1.05 -3.13
C ASP A 195 -18.82 0.87 -4.50
N ASP A 196 -20.10 1.20 -4.59
CA ASP A 196 -20.81 1.04 -5.84
C ASP A 196 -20.08 1.71 -6.98
N GLU A 197 -19.57 2.91 -6.73
CA GLU A 197 -18.84 3.65 -7.75
C GLU A 197 -17.64 2.83 -8.23
N GLU A 198 -16.93 2.24 -7.27
CA GLU A 198 -15.75 1.44 -7.57
C GLU A 198 -16.10 0.14 -8.27
N LYS A 199 -17.23 -0.46 -7.92
CA LYS A 199 -17.63 -1.71 -8.57
C LYS A 199 -17.80 -1.47 -10.07
N LYS A 200 -18.43 -0.35 -10.41
CA LYS A 200 -18.65 -0.02 -11.81
C LYS A 200 -17.30 0.19 -12.49
N ILE A 201 -16.48 1.06 -11.91
CA ILE A 201 -15.17 1.35 -12.48
C ILE A 201 -14.35 0.11 -12.78
N LEU A 202 -14.19 -0.75 -11.78
CA LEU A 202 -13.40 -1.96 -11.94
C LEU A 202 -13.99 -2.78 -13.07
N HIS A 203 -15.31 -2.79 -13.17
CA HIS A 203 -15.96 -3.54 -14.22
C HIS A 203 -15.76 -2.87 -15.57
N ASP A 204 -15.93 -1.55 -15.63
CA ASP A 204 -15.75 -0.83 -16.88
C ASP A 204 -14.34 -1.04 -17.42
N LEU A 205 -13.35 -0.89 -16.55
CA LEU A 205 -11.95 -1.04 -16.95
C LEU A 205 -11.45 -2.47 -17.02
N ASN A 206 -12.30 -3.41 -16.63
CA ASN A 206 -11.92 -4.82 -16.64
C ASN A 206 -10.66 -5.07 -15.81
N ILE A 207 -10.61 -4.52 -14.60
CA ILE A 207 -9.45 -4.70 -13.71
C ILE A 207 -9.54 -6.07 -13.05
N ALA A 208 -8.44 -6.84 -13.08
CA ALA A 208 -8.45 -8.15 -12.46
C ALA A 208 -8.54 -7.98 -10.94
N ALA A 209 -9.68 -8.34 -10.36
CA ALA A 209 -9.87 -8.19 -8.93
C ALA A 209 -10.35 -9.49 -8.30
N PHE A 210 -9.61 -9.94 -7.29
CA PHE A 210 -9.95 -11.18 -6.60
C PHE A 210 -10.44 -10.84 -5.21
N SER A 211 -11.76 -10.94 -5.02
CA SER A 211 -12.38 -10.64 -3.75
C SER A 211 -12.25 -11.86 -2.85
N MET A 212 -12.70 -11.72 -1.60
CA MET A 212 -12.65 -12.81 -0.65
C MET A 212 -13.40 -14.01 -1.20
N HIS A 213 -14.31 -13.72 -2.12
CA HIS A 213 -15.11 -14.77 -2.76
C HIS A 213 -14.21 -15.76 -3.51
N HIS A 214 -13.18 -15.25 -4.18
CA HIS A 214 -12.28 -16.11 -4.93
C HIS A 214 -11.37 -16.87 -4.00
N VAL A 215 -11.05 -16.27 -2.86
CA VAL A 215 -10.19 -16.92 -1.90
C VAL A 215 -10.95 -18.11 -1.31
N ASP A 216 -12.21 -17.88 -0.96
CA ASP A 216 -13.05 -18.91 -0.40
C ASP A 216 -13.31 -19.99 -1.43
N ARG A 217 -13.41 -19.56 -2.69
CA ARG A 217 -13.71 -20.45 -3.79
C ARG A 217 -12.53 -21.29 -4.25
N TYR A 218 -11.38 -20.64 -4.44
CA TYR A 218 -10.21 -21.34 -4.94
C TYR A 218 -9.08 -21.53 -3.93
N GLY A 219 -9.15 -20.82 -2.81
CA GLY A 219 -8.10 -20.92 -1.83
C GLY A 219 -7.07 -19.87 -2.20
N ILE A 220 -6.30 -19.41 -1.22
CA ILE A 220 -5.31 -18.38 -1.43
C ILE A 220 -4.27 -18.70 -2.50
N ASP A 221 -3.83 -19.95 -2.58
CA ASP A 221 -2.80 -20.29 -3.55
C ASP A 221 -3.17 -19.94 -4.98
N LYS A 222 -4.27 -20.51 -5.46
CA LYS A 222 -4.73 -20.28 -6.82
C LYS A 222 -4.85 -18.77 -7.09
N VAL A 223 -5.50 -18.06 -6.17
CA VAL A 223 -5.68 -16.61 -6.30
C VAL A 223 -4.34 -15.93 -6.55
N VAL A 224 -3.38 -16.17 -5.67
CA VAL A 224 -2.07 -15.56 -5.80
C VAL A 224 -1.53 -15.86 -7.19
N SER A 225 -1.62 -17.12 -7.61
CA SER A 225 -1.14 -17.48 -8.94
C SER A 225 -1.85 -16.61 -9.96
N MET A 226 -3.17 -16.63 -9.94
CA MET A 226 -3.94 -15.83 -10.88
C MET A 226 -3.56 -14.35 -10.82
N ALA A 227 -3.46 -13.81 -9.60
CA ALA A 227 -3.10 -12.40 -9.44
C ALA A 227 -1.77 -12.07 -10.11
N ILE A 228 -0.78 -12.93 -9.92
CA ILE A 228 0.54 -12.70 -10.52
C ILE A 228 0.51 -12.81 -12.05
N GLU A 229 -0.28 -13.75 -12.59
CA GLU A 229 -0.36 -13.92 -14.04
C GLU A 229 -1.01 -12.71 -14.72
N ALA A 230 -2.09 -12.21 -14.11
CA ALA A 230 -2.84 -11.08 -14.64
C ALA A 230 -2.04 -9.81 -14.92
N VAL A 231 -0.97 -9.60 -14.16
CA VAL A 231 -0.16 -8.40 -14.35
C VAL A 231 1.19 -8.74 -14.98
N SER A 232 1.45 -10.03 -15.17
CA SER A 232 2.70 -10.49 -15.75
C SER A 232 2.50 -11.28 -17.03
N PRO A 233 2.25 -10.60 -18.17
CA PRO A 233 2.06 -11.32 -19.43
C PRO A 233 3.28 -12.14 -19.87
N LYS A 234 4.37 -11.46 -20.23
CA LYS A 234 5.60 -12.13 -20.67
C LYS A 234 6.23 -13.06 -19.64
N GLY A 235 5.69 -13.07 -18.42
CA GLY A 235 6.21 -13.90 -17.36
C GLY A 235 7.60 -13.49 -16.88
N THR A 236 8.00 -12.28 -17.25
CA THR A 236 9.31 -11.73 -16.89
C THR A 236 9.20 -10.39 -16.16
N GLU A 237 8.01 -9.79 -16.22
CA GLU A 237 7.80 -8.48 -15.62
C GLU A 237 8.08 -8.33 -14.13
N PRO A 238 8.55 -7.13 -13.75
CA PRO A 238 8.86 -6.85 -12.34
C PRO A 238 7.53 -6.76 -11.63
N VAL A 239 7.51 -7.14 -10.36
CA VAL A 239 6.27 -7.09 -9.59
C VAL A 239 6.39 -6.25 -8.34
N MET A 240 5.35 -5.46 -8.11
CA MET A 240 5.27 -4.60 -6.94
C MET A 240 4.00 -4.93 -6.16
N VAL A 241 4.10 -4.91 -4.84
CA VAL A 241 2.95 -5.21 -4.02
C VAL A 241 2.71 -4.09 -3.02
N SER A 242 1.52 -3.51 -3.02
CA SER A 242 1.17 -2.48 -2.06
C SER A 242 0.29 -3.24 -1.09
N TYR A 243 0.80 -3.49 0.11
CA TYR A 243 0.09 -4.28 1.12
C TYR A 243 -0.63 -3.53 2.24
N ASP A 244 -1.95 -3.47 2.13
CA ASP A 244 -2.76 -2.81 3.15
C ASP A 244 -3.06 -3.88 4.21
N VAL A 245 -2.57 -3.67 5.43
CA VAL A 245 -2.78 -4.64 6.49
C VAL A 245 -4.26 -4.91 6.82
N ASP A 246 -5.14 -3.97 6.49
CA ASP A 246 -6.56 -4.19 6.80
C ASP A 246 -7.18 -5.25 5.92
N THR A 247 -6.37 -5.86 5.06
CA THR A 247 -6.84 -6.93 4.19
C THR A 247 -7.06 -8.16 5.08
N ILE A 248 -6.24 -8.25 6.12
CA ILE A 248 -6.28 -9.35 7.08
C ILE A 248 -7.44 -9.13 8.03
N ASP A 249 -8.15 -10.20 8.38
CA ASP A 249 -9.29 -10.08 9.27
C ASP A 249 -8.90 -9.33 10.53
N PRO A 250 -9.72 -8.34 10.92
CA PRO A 250 -9.44 -7.55 12.13
C PRO A 250 -9.16 -8.35 13.39
N LEU A 251 -9.53 -9.61 13.41
CA LEU A 251 -9.28 -10.41 14.60
C LEU A 251 -7.80 -10.76 14.66
N TYR A 252 -7.06 -10.32 13.64
CA TYR A 252 -5.62 -10.53 13.54
C TYR A 252 -4.93 -9.15 13.52
N VAL A 253 -5.53 -8.23 12.77
CA VAL A 253 -5.01 -6.88 12.63
C VAL A 253 -6.07 -5.89 13.11
N PRO A 254 -6.23 -5.75 14.44
CA PRO A 254 -7.21 -4.85 15.03
C PRO A 254 -6.90 -3.35 14.90
N ALA A 255 -5.62 -2.98 15.04
CA ALA A 255 -5.22 -1.58 14.95
C ALA A 255 -5.11 -1.04 13.53
N THR A 256 -6.27 -0.78 12.92
CA THR A 256 -6.33 -0.24 11.56
C THR A 256 -7.56 0.67 11.42
N GLY A 257 -7.44 1.69 10.57
CA GLY A 257 -8.51 2.66 10.38
C GLY A 257 -9.88 2.23 9.90
N THR A 258 -9.92 1.35 8.90
CA THR A 258 -11.19 0.90 8.33
C THR A 258 -11.27 -0.64 8.19
N PRO A 259 -11.45 -1.34 9.31
CA PRO A 259 -11.52 -2.80 9.31
C PRO A 259 -12.86 -3.35 8.82
N VAL A 260 -12.79 -4.50 8.16
CA VAL A 260 -13.98 -5.17 7.64
C VAL A 260 -13.86 -6.66 7.92
N ARG A 261 -14.94 -7.24 8.46
CA ARG A 261 -14.96 -8.65 8.80
C ARG A 261 -14.86 -9.56 7.56
N GLY A 262 -14.47 -10.81 7.77
CA GLY A 262 -14.35 -11.75 6.67
C GLY A 262 -13.05 -11.58 5.89
N GLY A 263 -11.99 -11.23 6.61
CA GLY A 263 -10.71 -11.03 5.96
C GLY A 263 -9.83 -12.26 5.89
N LEU A 264 -8.64 -12.07 5.34
CA LEU A 264 -7.68 -13.14 5.22
C LEU A 264 -7.24 -13.54 6.61
N SER A 265 -6.92 -14.82 6.76
CA SER A 265 -6.47 -15.34 8.04
C SER A 265 -5.01 -14.95 8.13
N PHE A 266 -4.45 -15.00 9.33
CA PHE A 266 -3.06 -14.68 9.53
C PHE A 266 -2.21 -15.58 8.63
N ARG A 267 -2.58 -16.85 8.52
CA ARG A 267 -1.85 -17.80 7.69
C ARG A 267 -1.88 -17.43 6.22
N GLU A 268 -3.03 -16.98 5.74
CA GLU A 268 -3.18 -16.58 4.34
C GLU A 268 -2.41 -15.30 4.08
N ALA A 269 -2.50 -14.38 5.04
CA ALA A 269 -1.80 -13.11 4.92
C ALA A 269 -0.32 -13.34 4.64
N LEU A 270 0.27 -14.26 5.40
CA LEU A 270 1.69 -14.58 5.27
C LEU A 270 2.01 -15.55 4.13
N PHE A 271 1.15 -16.55 3.91
CA PHE A 271 1.39 -17.49 2.83
C PHE A 271 1.48 -16.71 1.51
N LEU A 272 0.57 -15.75 1.35
CA LEU A 272 0.50 -14.88 0.18
C LEU A 272 1.87 -14.26 -0.12
N CYS A 273 2.54 -13.80 0.93
CA CYS A 273 3.86 -13.18 0.81
C CYS A 273 4.91 -14.17 0.29
N GLU A 274 4.92 -15.36 0.89
CA GLU A 274 5.89 -16.37 0.50
C GLU A 274 5.73 -16.75 -0.96
N ARG A 275 4.50 -16.83 -1.42
CA ARG A 275 4.26 -17.19 -2.81
C ARG A 275 4.88 -16.14 -3.67
N ILE A 276 4.71 -14.89 -3.25
CA ILE A 276 5.26 -13.77 -4.00
C ILE A 276 6.79 -13.84 -3.96
N ALA A 277 7.36 -13.92 -2.76
CA ALA A 277 8.81 -14.00 -2.63
C ALA A 277 9.27 -15.11 -3.57
N GLU A 278 8.61 -16.25 -3.45
CA GLU A 278 8.91 -17.43 -4.27
C GLU A 278 8.88 -17.09 -5.76
N CYS A 279 8.16 -16.04 -6.12
CA CYS A 279 8.07 -15.63 -7.51
C CYS A 279 9.42 -15.12 -8.02
N GLY A 280 10.20 -14.57 -7.11
CA GLY A 280 11.52 -14.05 -7.46
C GLY A 280 11.55 -12.78 -8.30
N ARG A 281 10.41 -12.10 -8.47
CA ARG A 281 10.36 -10.88 -9.27
C ARG A 281 9.82 -9.62 -8.59
N LEU A 282 9.73 -9.64 -7.27
CA LEU A 282 9.24 -8.47 -6.52
C LEU A 282 10.28 -7.36 -6.57
N VAL A 283 9.86 -6.15 -6.97
CA VAL A 283 10.79 -5.02 -7.05
C VAL A 283 10.55 -3.93 -6.01
N ALA A 284 9.39 -4.00 -5.34
CA ALA A 284 9.04 -3.02 -4.32
C ALA A 284 7.88 -3.52 -3.47
N LEU A 285 7.73 -2.93 -2.28
CA LEU A 285 6.67 -3.33 -1.36
C LEU A 285 6.27 -2.20 -0.41
N ASP A 286 4.98 -1.98 -0.26
CA ASP A 286 4.48 -0.97 0.67
C ASP A 286 3.72 -1.75 1.71
N VAL A 287 3.86 -1.36 2.97
CA VAL A 287 3.13 -2.01 4.04
C VAL A 287 2.45 -0.84 4.71
N VAL A 288 1.14 -0.77 4.56
CA VAL A 288 0.39 0.35 5.09
C VAL A 288 -0.81 0.09 6.00
N GLU A 289 -1.35 1.20 6.51
CA GLU A 289 -2.52 1.28 7.39
C GLU A 289 -2.37 0.81 8.83
N CYS A 290 -1.15 0.74 9.33
CA CYS A 290 -0.94 0.32 10.72
C CYS A 290 -1.11 1.51 11.64
N ASN A 291 -2.17 1.50 12.45
CA ASN A 291 -2.43 2.61 13.38
C ASN A 291 -2.43 2.14 14.83
N PRO A 292 -1.25 2.16 15.49
CA PRO A 292 -1.07 1.75 16.88
C PRO A 292 -2.07 2.35 17.87
N LEU A 293 -2.34 3.65 17.72
CA LEU A 293 -3.26 4.34 18.60
C LEU A 293 -4.69 3.85 18.45
N LEU A 294 -4.91 2.98 17.47
CA LEU A 294 -6.25 2.45 17.21
C LEU A 294 -6.39 1.03 17.77
N ALA A 295 -5.96 0.85 19.02
CA ALA A 295 -6.03 -0.45 19.66
C ALA A 295 -6.76 -0.37 20.99
N ALA A 296 -6.88 -1.49 21.68
CA ALA A 296 -7.53 -1.56 22.97
C ALA A 296 -6.57 -2.06 24.05
N THR A 297 -5.59 -2.86 23.63
CA THR A 297 -4.60 -3.41 24.56
C THR A 297 -3.20 -3.27 23.97
N GLU A 298 -2.21 -3.82 24.66
CA GLU A 298 -0.83 -3.77 24.20
C GLU A 298 -0.61 -4.89 23.18
N SER A 299 -1.48 -5.90 23.22
CA SER A 299 -1.38 -7.02 22.30
C SER A 299 -2.03 -6.65 20.98
N HIS A 300 -3.00 -5.74 21.04
CA HIS A 300 -3.69 -5.26 19.83
C HIS A 300 -2.63 -4.62 18.94
N VAL A 301 -1.85 -3.71 19.52
CA VAL A 301 -0.78 -3.01 18.82
C VAL A 301 0.35 -3.96 18.45
N ASN A 302 0.83 -4.72 19.43
CA ASN A 302 1.91 -5.67 19.19
C ASN A 302 1.53 -6.65 18.07
N ASP A 303 0.35 -7.25 18.17
CA ASP A 303 -0.08 -8.19 17.15
C ASP A 303 -0.10 -7.52 15.79
N THR A 304 -0.63 -6.30 15.74
CA THR A 304 -0.71 -5.56 14.48
C THR A 304 0.67 -5.23 13.90
N ILE A 305 1.49 -4.55 14.68
CA ILE A 305 2.83 -4.18 14.24
C ILE A 305 3.73 -5.38 13.91
N SER A 306 3.66 -6.45 14.72
CA SER A 306 4.48 -7.63 14.46
C SER A 306 3.99 -8.31 13.22
N VAL A 307 2.72 -8.09 12.89
CA VAL A 307 2.17 -8.68 11.68
C VAL A 307 2.79 -7.90 10.52
N GLY A 308 2.92 -6.59 10.71
CA GLY A 308 3.51 -5.77 9.66
C GLY A 308 4.92 -6.26 9.37
N CYS A 309 5.72 -6.43 10.42
CA CYS A 309 7.07 -6.90 10.27
C CYS A 309 7.10 -8.31 9.65
N ALA A 310 6.10 -9.12 9.98
CA ALA A 310 6.00 -10.49 9.46
C ALA A 310 5.83 -10.52 7.93
N ILE A 311 5.02 -9.60 7.41
CA ILE A 311 4.77 -9.50 5.98
C ILE A 311 6.07 -9.12 5.31
N ALA A 312 6.82 -8.25 5.98
CA ALA A 312 8.11 -7.81 5.47
C ALA A 312 9.09 -8.97 5.39
N ARG A 313 9.27 -9.71 6.48
CA ARG A 313 10.21 -10.82 6.47
C ARG A 313 9.84 -11.84 5.42
N CYS A 314 8.57 -12.22 5.39
CA CYS A 314 8.09 -13.22 4.44
C CYS A 314 8.21 -12.80 2.99
N MET A 315 7.93 -11.53 2.72
CA MET A 315 8.04 -11.00 1.36
C MET A 315 9.50 -11.02 0.94
N MET A 316 10.35 -10.68 1.89
CA MET A 316 11.79 -10.60 1.66
C MET A 316 12.56 -11.91 1.72
N GLY A 317 11.86 -13.04 1.68
CA GLY A 317 12.53 -14.32 1.69
C GLY A 317 12.43 -15.25 2.89
N GLU A 318 11.94 -14.76 4.02
CA GLU A 318 11.83 -15.59 5.22
C GLU A 318 10.93 -16.81 5.02
N THR A 319 11.46 -18.00 5.24
CA THR A 319 10.70 -19.23 5.10
C THR A 319 10.64 -20.01 6.42
N LEU A 320 9.66 -20.91 6.52
CA LEU A 320 9.49 -21.71 7.73
C LEU A 320 10.49 -22.86 7.80
N LEU A 321 10.96 -23.30 6.64
CA LEU A 321 11.94 -24.38 6.59
C LEU A 321 13.27 -23.92 6.00
N TYR A 322 14.12 -24.89 5.70
CA TYR A 322 15.44 -24.61 5.15
C TYR A 322 15.40 -23.81 3.86
N THR A 323 16.33 -22.86 3.74
CA THR A 323 16.44 -22.00 2.58
C THR A 323 17.90 -21.88 2.13
MN MN B . -6.02 0.56 1.04
MN MN C . -7.89 -1.02 2.96
N NNH D . -13.82 3.16 -0.12
CA NNH D . -13.75 4.10 1.02
C NNH D . -13.35 5.49 0.50
O NNH D . -12.85 6.28 1.49
CB NNH D . -12.83 3.52 2.12
CG NNH D . -11.37 3.20 1.70
ND NNH D . -10.65 2.67 2.89
CE NNH D . -9.43 2.29 2.97
NH1 NNH D . -8.85 1.85 1.94
NH2 NNH D . -8.82 2.35 4.08
OH1 NNH D . -7.60 1.44 2.00
OXT NNH D . -13.47 5.86 -0.65
C1 GOL E . 1.90 -18.97 7.47
O1 GOL E . 1.04 -20.07 7.36
C2 GOL E . 3.30 -19.42 7.12
O2 GOL E . 3.26 -19.89 5.79
C3 GOL E . 4.30 -18.26 7.24
O3 GOL E . 5.61 -18.68 6.93
#